data_4S15
#
_entry.id   4S15
#
_cell.length_a   71.194
_cell.length_b   80.305
_cell.length_c   113.104
_cell.angle_alpha   90.00
_cell.angle_beta   90.00
_cell.angle_gamma   90.00
#
_symmetry.space_group_name_H-M   'P 21 21 21'
#
loop_
_entity.id
_entity.type
_entity.pdbx_description
1 polymer 'Nuclear receptor ROR-alpha'
2 polymer 'Nuclear receptor-interacting protein 1'
3 non-polymer '(3beta,4alpha,5beta,14beta)-3-hydroxy-4-methylcholesta-8,24-diene-4-carboxylic acid'
4 non-polymer GLYCEROL
5 water water
#
loop_
_entity_poly.entity_id
_entity_poly.type
_entity_poly.pdbx_seq_one_letter_code
_entity_poly.pdbx_strand_id
1 'polypeptide(L)'
;GSMAELEHLAQNISKSHLETCQYLREELQQITWQTFLQEEIENYQNKQREVMWQLCAIKITEAIQYVVEFAKRIDGFMEL
CQNDQIVLLKAGSLEVVFIRMCRAFDSQNNTVYFDGKYASPDVFKSLGCEDFISFVFEFGKSLCSMHLTEDEIALFSAFV
LMSADRSWLQEKVKIEKLQQKIQLALQHVLQKNHREDGILTKLICKVSTLRALCGRHTEKLMAFKAIYPDIVRLHFPPLY
KELFTSEFEPAMQIDG
;
A,B
2 'polypeptide(L)' TLLQLLLGHKNE C,D
#
# COMPACT_ATOMS: atom_id res chain seq x y z
N SER A 2 -35.26 2.25 13.27
CA SER A 2 -36.19 3.20 12.67
C SER A 2 -35.80 3.55 11.23
N MET A 3 -36.69 4.23 10.52
CA MET A 3 -36.41 4.64 9.15
C MET A 3 -35.24 5.63 9.12
N ALA A 4 -35.22 6.51 10.11
CA ALA A 4 -34.14 7.48 10.24
C ALA A 4 -32.79 6.78 10.41
N GLU A 5 -32.77 5.74 11.24
CA GLU A 5 -31.52 5.00 11.47
C GLU A 5 -31.01 4.31 10.21
N LEU A 6 -31.93 3.82 9.38
CA LEU A 6 -31.55 3.20 8.13
C LEU A 6 -31.04 4.25 7.15
N GLU A 7 -31.62 5.44 7.18
CA GLU A 7 -31.17 6.53 6.32
C GLU A 7 -29.77 6.99 6.70
N HIS A 8 -29.48 7.04 7.99
CA HIS A 8 -28.16 7.44 8.46
C HIS A 8 -27.12 6.39 8.06
N LEU A 9 -27.47 5.12 8.24
CA LEU A 9 -26.59 4.02 7.86
C LEU A 9 -26.24 4.09 6.38
N ALA A 10 -27.24 4.31 5.55
CA ALA A 10 -27.03 4.41 4.11
C ALA A 10 -26.14 5.60 3.75
N GLN A 11 -26.31 6.70 4.48
CA GLN A 11 -25.51 7.89 4.20
C GLN A 11 -24.04 7.67 4.55
N ASN A 12 -23.79 7.03 5.70
CA ASN A 12 -22.43 6.70 6.12
C ASN A 12 -21.71 5.86 5.07
N ILE A 13 -22.40 4.83 4.59
CA ILE A 13 -21.81 3.88 3.63
C ILE A 13 -21.66 4.52 2.26
N SER A 14 -22.68 5.30 1.87
CA SER A 14 -22.66 6.04 0.61
C SER A 14 -21.50 7.02 0.51
N LYS A 15 -21.26 7.78 1.58
CA LYS A 15 -20.17 8.75 1.58
C LYS A 15 -18.81 8.06 1.65
N SER A 16 -18.71 6.97 2.40
CA SER A 16 -17.47 6.23 2.43
CA SER A 16 -17.49 6.18 2.45
C SER A 16 -17.09 5.74 1.04
N HIS A 17 -18.07 5.21 0.32
CA HIS A 17 -17.83 4.74 -1.05
C HIS A 17 -17.36 5.87 -1.96
N LEU A 18 -18.09 6.98 -1.94
CA LEU A 18 -17.77 8.10 -2.81
C LEU A 18 -16.36 8.63 -2.54
N GLU A 19 -15.97 8.61 -1.27
CA GLU A 19 -14.64 9.12 -0.90
C GLU A 19 -13.51 8.17 -1.30
N THR A 20 -13.84 6.89 -1.54
CA THR A 20 -12.80 5.89 -1.71
C THR A 20 -12.89 5.20 -3.06
N CYS A 21 -13.67 5.77 -3.96
CA CYS A 21 -13.65 5.30 -5.33
CA CYS A 21 -13.66 5.28 -5.33
C CYS A 21 -12.52 5.98 -6.07
N GLN A 22 -11.74 5.19 -6.79
CA GLN A 22 -10.60 5.71 -7.51
C GLN A 22 -11.02 6.67 -8.62
N TYR A 23 -12.15 6.39 -9.26
CA TYR A 23 -12.62 7.22 -10.37
C TYR A 23 -14.08 7.58 -10.21
N LEU A 24 -14.47 8.77 -10.68
CA LEU A 24 -15.87 9.17 -10.73
C LEU A 24 -16.66 8.28 -11.70
N ARG A 25 -17.84 7.85 -11.27
CA ARG A 25 -18.70 7.00 -12.10
C ARG A 25 -18.97 7.63 -13.47
N GLU A 26 -19.30 8.91 -13.47
CA GLU A 26 -19.67 9.59 -14.70
C GLU A 26 -18.48 9.70 -15.65
N GLU A 27 -17.28 9.88 -15.09
CA GLU A 27 -16.09 9.96 -15.93
C GLU A 27 -15.82 8.62 -16.61
N LEU A 28 -15.92 7.53 -15.86
CA LEU A 28 -15.74 6.18 -16.40
C LEU A 28 -16.73 5.90 -17.52
N GLN A 29 -18.00 6.27 -17.29
CA GLN A 29 -19.06 6.00 -18.25
C GLN A 29 -18.85 6.83 -19.52
N GLN A 30 -18.22 7.98 -19.36
CA GLN A 30 -18.06 8.92 -20.46
C GLN A 30 -17.09 8.37 -21.53
N ILE A 31 -16.02 7.75 -21.08
CA ILE A 31 -14.92 7.43 -21.99
C ILE A 31 -14.86 5.96 -22.40
N THR A 32 -16.01 5.32 -22.57
CA THR A 32 -16.02 3.93 -23.06
C THR A 32 -15.48 3.82 -24.49
N TRP A 33 -15.46 4.94 -25.23
CA TRP A 33 -14.86 4.97 -26.56
C TRP A 33 -13.32 4.83 -26.50
N GLN A 34 -12.76 4.98 -25.31
CA GLN A 34 -11.31 5.00 -25.12
C GLN A 34 -10.78 3.58 -24.96
N THR A 35 -10.60 2.90 -26.10
CA THR A 35 -10.27 1.48 -26.13
C THR A 35 -8.85 1.21 -26.59
N PHE A 36 -8.28 0.10 -26.14
CA PHE A 36 -6.94 -0.28 -26.58
C PHE A 36 -6.93 -0.56 -28.08
N LEU A 37 -5.90 -0.06 -28.76
CA LEU A 37 -5.72 -0.32 -30.18
C LEU A 37 -5.12 -1.70 -30.38
N GLN A 38 -5.23 -2.25 -31.58
CA GLN A 38 -4.75 -3.60 -31.85
C GLN A 38 -3.27 -3.79 -31.50
N GLU A 39 -2.47 -2.75 -31.77
CA GLU A 39 -1.03 -2.79 -31.47
C GLU A 39 -0.79 -2.89 -29.97
N GLU A 40 -1.59 -2.17 -29.20
CA GLU A 40 -1.49 -2.21 -27.73
C GLU A 40 -1.93 -3.57 -27.19
N ILE A 41 -2.99 -4.13 -27.78
CA ILE A 41 -3.48 -5.45 -27.42
C ILE A 41 -2.41 -6.50 -27.65
N GLU A 42 -1.80 -6.47 -28.83
CA GLU A 42 -0.74 -7.42 -29.16
C GLU A 42 0.43 -7.31 -28.19
N ASN A 43 0.71 -6.09 -27.72
CA ASN A 43 1.78 -5.87 -26.75
CA ASN A 43 1.79 -5.88 -26.75
C ASN A 43 1.53 -6.63 -25.45
N TYR A 44 0.31 -6.53 -24.92
CA TYR A 44 -0.04 -7.30 -23.73
C TYR A 44 0.03 -8.80 -24.01
N GLN A 45 -0.43 -9.20 -25.20
CA GLN A 45 -0.46 -10.62 -25.54
C GLN A 45 0.95 -11.21 -25.69
N ASN A 46 1.93 -10.35 -25.93
CA ASN A 46 3.31 -10.79 -26.08
C ASN A 46 4.03 -10.94 -24.74
N LYS A 47 3.36 -10.55 -23.65
CA LYS A 47 3.95 -10.68 -22.33
C LYS A 47 3.88 -12.12 -21.86
N GLN A 48 4.92 -12.59 -21.19
CA GLN A 48 4.90 -13.95 -20.68
C GLN A 48 3.89 -14.03 -19.55
N ARG A 49 3.33 -15.22 -19.33
CA ARG A 49 2.23 -15.42 -18.39
C ARG A 49 2.51 -14.79 -17.02
N GLU A 50 3.70 -15.04 -16.49
CA GLU A 50 4.03 -14.62 -15.15
C GLU A 50 4.16 -13.11 -15.04
N VAL A 51 4.61 -12.48 -16.12
CA VAL A 51 4.74 -11.03 -16.18
C VAL A 51 3.35 -10.36 -16.23
N MET A 52 2.47 -10.89 -17.08
CA MET A 52 1.11 -10.38 -17.17
C MET A 52 0.38 -10.51 -15.83
N TRP A 53 0.61 -11.63 -15.14
CA TRP A 53 -0.03 -11.84 -13.84
C TRP A 53 0.42 -10.79 -12.84
N GLN A 54 1.72 -10.52 -12.80
CA GLN A 54 2.29 -9.53 -11.89
C GLN A 54 1.68 -8.16 -12.15
N LEU A 55 1.57 -7.79 -13.42
CA LEU A 55 0.92 -6.53 -13.79
C LEU A 55 -0.51 -6.49 -13.25
N CYS A 56 -1.24 -7.58 -13.43
CA CYS A 56 -2.63 -7.64 -12.96
C CYS A 56 -2.74 -7.56 -11.43
N ALA A 57 -1.81 -8.22 -10.74
CA ALA A 57 -1.79 -8.18 -9.27
C ALA A 57 -1.55 -6.77 -8.75
N ILE A 58 -0.71 -6.01 -9.44
CA ILE A 58 -0.48 -4.60 -9.08
C ILE A 58 -1.79 -3.82 -9.12
N LYS A 59 -2.55 -4.01 -10.20
CA LYS A 59 -3.81 -3.29 -10.39
C LYS A 59 -4.86 -3.72 -9.37
N ILE A 60 -4.95 -5.01 -9.13
CA ILE A 60 -5.86 -5.54 -8.12
C ILE A 60 -5.54 -4.98 -6.75
N THR A 61 -4.25 -4.93 -6.42
CA THR A 61 -3.82 -4.53 -5.09
C THR A 61 -4.09 -3.05 -4.88
N GLU A 62 -3.95 -2.25 -5.94
CA GLU A 62 -4.24 -0.82 -5.82
C GLU A 62 -5.73 -0.64 -5.53
N ALA A 63 -6.57 -1.41 -6.23
CA ALA A 63 -8.01 -1.37 -6.01
C ALA A 63 -8.34 -1.80 -4.58
N ILE A 64 -7.64 -2.81 -4.08
CA ILE A 64 -7.87 -3.31 -2.74
C ILE A 64 -7.50 -2.28 -1.66
N GLN A 65 -6.46 -1.49 -1.90
CA GLN A 65 -6.12 -0.46 -0.93
C GLN A 65 -7.28 0.54 -0.76
N TYR A 66 -8.00 0.83 -1.84
CA TYR A 66 -9.14 1.75 -1.73
C TYR A 66 -10.29 1.08 -0.99
N VAL A 67 -10.41 -0.23 -1.14
CA VAL A 67 -11.46 -0.98 -0.44
C VAL A 67 -11.18 -1.05 1.06
N VAL A 68 -9.91 -1.19 1.43
CA VAL A 68 -9.55 -1.16 2.84
C VAL A 68 -9.99 0.19 3.45
N GLU A 69 -9.77 1.28 2.72
CA GLU A 69 -10.15 2.59 3.22
C GLU A 69 -11.67 2.78 3.25
N PHE A 70 -12.36 2.17 2.29
CA PHE A 70 -13.82 2.12 2.28
C PHE A 70 -14.34 1.51 3.59
N ALA A 71 -13.77 0.36 3.94
CA ALA A 71 -14.18 -0.34 5.15
C ALA A 71 -13.91 0.48 6.40
N LYS A 72 -12.74 1.10 6.47
CA LYS A 72 -12.35 1.90 7.63
C LYS A 72 -13.29 3.07 7.90
N ARG A 73 -13.98 3.55 6.87
CA ARG A 73 -14.85 4.70 7.06
C ARG A 73 -16.29 4.30 7.35
N ILE A 74 -16.57 2.99 7.31
CA ILE A 74 -17.88 2.51 7.75
C ILE A 74 -17.85 2.34 9.27
N ASP A 75 -18.65 3.13 9.98
CA ASP A 75 -18.61 3.15 11.44
C ASP A 75 -18.87 1.75 12.04
N GLY A 76 -19.82 1.01 11.47
CA GLY A 76 -20.12 -0.31 11.97
C GLY A 76 -18.95 -1.28 11.86
N PHE A 77 -18.16 -1.12 10.81
CA PHE A 77 -16.98 -1.96 10.60
C PHE A 77 -15.90 -1.68 11.63
N MET A 78 -15.65 -0.39 11.88
CA MET A 78 -14.65 0.01 12.87
C MET A 78 -15.00 -0.42 14.30
N GLU A 79 -16.28 -0.62 14.58
CA GLU A 79 -16.73 -1.05 15.90
C GLU A 79 -16.39 -2.51 16.16
N LEU A 80 -16.06 -3.25 15.10
CA LEU A 80 -15.76 -4.66 15.24
C LEU A 80 -14.38 -4.85 15.85
N CYS A 81 -14.15 -6.02 16.44
CA CYS A 81 -12.84 -6.33 17.00
C CYS A 81 -11.83 -6.47 15.88
N GLN A 82 -10.56 -6.31 16.23
CA GLN A 82 -9.48 -6.30 15.25
C GLN A 82 -9.41 -7.61 14.45
N ASN A 83 -9.58 -8.73 15.13
CA ASN A 83 -9.56 -10.03 14.46
C ASN A 83 -10.61 -10.13 13.36
N ASP A 84 -11.83 -9.70 13.66
CA ASP A 84 -12.91 -9.83 12.69
C ASP A 84 -12.74 -8.87 11.51
N GLN A 85 -12.21 -7.68 11.76
CA GLN A 85 -11.93 -6.74 10.66
C GLN A 85 -11.03 -7.40 9.64
N ILE A 86 -9.97 -8.04 10.12
CA ILE A 86 -9.04 -8.71 9.23
C ILE A 86 -9.71 -9.87 8.49
N VAL A 87 -10.44 -10.70 9.22
CA VAL A 87 -11.12 -11.85 8.61
C VAL A 87 -12.05 -11.41 7.49
N LEU A 88 -12.84 -10.38 7.77
CA LEU A 88 -13.78 -9.86 6.78
C LEU A 88 -13.07 -9.30 5.55
N LEU A 89 -12.00 -8.54 5.77
CA LEU A 89 -11.29 -7.96 4.63
C LEU A 89 -10.54 -9.02 3.83
N LYS A 90 -9.97 -10.01 4.51
CA LYS A 90 -9.34 -11.12 3.78
C LYS A 90 -10.30 -11.81 2.85
N ALA A 91 -11.52 -12.06 3.34
CA ALA A 91 -12.49 -12.86 2.62
C ALA A 91 -13.34 -12.04 1.66
N GLY A 92 -13.41 -10.73 1.90
CA GLY A 92 -14.38 -9.90 1.21
C GLY A 92 -13.86 -8.78 0.34
N SER A 93 -12.58 -8.40 0.49
CA SER A 93 -12.03 -7.27 -0.27
CA SER A 93 -12.06 -7.27 -0.27
C SER A 93 -12.13 -7.51 -1.78
N LEU A 94 -11.79 -8.71 -2.23
CA LEU A 94 -11.80 -8.97 -3.66
C LEU A 94 -13.24 -8.99 -4.19
N GLU A 95 -14.17 -9.47 -3.37
CA GLU A 95 -15.60 -9.39 -3.73
C GLU A 95 -16.01 -7.94 -4.00
N VAL A 96 -15.58 -7.03 -3.14
CA VAL A 96 -15.92 -5.63 -3.35
C VAL A 96 -15.27 -5.10 -4.63
N VAL A 97 -14.02 -5.52 -4.90
CA VAL A 97 -13.34 -5.13 -6.13
C VAL A 97 -14.15 -5.54 -7.37
N PHE A 98 -14.67 -6.76 -7.37
CA PHE A 98 -15.45 -7.25 -8.49
C PHE A 98 -16.77 -6.50 -8.65
N ILE A 99 -17.38 -6.10 -7.54
CA ILE A 99 -18.57 -5.27 -7.62
C ILE A 99 -18.24 -3.90 -8.20
N ARG A 100 -17.15 -3.32 -7.71
CA ARG A 100 -16.68 -2.03 -8.19
C ARG A 100 -16.32 -2.05 -9.67
N MET A 101 -15.92 -3.22 -10.17
CA MET A 101 -15.62 -3.38 -11.59
C MET A 101 -16.79 -2.96 -12.50
N CYS A 102 -18.02 -3.17 -12.04
CA CYS A 102 -19.20 -2.85 -12.84
C CYS A 102 -19.30 -1.35 -13.12
N ARG A 103 -18.64 -0.54 -12.30
CA ARG A 103 -18.60 0.91 -12.52
C ARG A 103 -17.70 1.25 -13.69
N ALA A 104 -16.79 0.34 -14.01
CA ALA A 104 -15.76 0.58 -15.02
C ALA A 104 -15.90 -0.40 -16.16
N PHE A 105 -17.14 -0.78 -16.45
CA PHE A 105 -17.41 -1.82 -17.43
C PHE A 105 -18.33 -1.30 -18.52
N ASP A 106 -18.04 -1.65 -19.77
CA ASP A 106 -18.92 -1.31 -20.89
C ASP A 106 -19.73 -2.56 -21.27
N SER A 107 -20.98 -2.61 -20.84
CA SER A 107 -21.76 -3.84 -21.02
C SER A 107 -22.15 -4.05 -22.47
N GLN A 108 -22.26 -2.96 -23.23
CA GLN A 108 -22.62 -3.04 -24.64
C GLN A 108 -21.51 -3.64 -25.50
N ASN A 109 -20.26 -3.34 -25.13
CA ASN A 109 -19.11 -3.77 -25.92
C ASN A 109 -18.24 -4.82 -25.23
N ASN A 110 -18.60 -5.18 -24.01
CA ASN A 110 -17.90 -6.21 -23.24
C ASN A 110 -16.44 -5.83 -23.03
N THR A 111 -16.23 -4.68 -22.41
CA THR A 111 -14.88 -4.20 -22.14
C THR A 111 -14.81 -3.67 -20.72
N VAL A 112 -13.60 -3.64 -20.17
CA VAL A 112 -13.39 -3.19 -18.80
C VAL A 112 -12.22 -2.21 -18.77
N TYR A 113 -12.32 -1.21 -17.91
CA TYR A 113 -11.32 -0.16 -17.82
C TYR A 113 -10.09 -0.71 -17.08
N PHE A 114 -8.98 -0.81 -17.79
CA PHE A 114 -7.79 -1.50 -17.30
C PHE A 114 -6.54 -0.82 -17.84
N ASP A 115 -5.65 -0.38 -16.95
CA ASP A 115 -4.41 0.27 -17.34
C ASP A 115 -4.68 1.45 -18.28
N GLY A 116 -5.72 2.22 -17.98
CA GLY A 116 -5.94 3.49 -18.65
C GLY A 116 -6.88 3.51 -19.84
N LYS A 117 -7.30 2.33 -20.32
CA LYS A 117 -8.22 2.23 -21.46
C LYS A 117 -9.17 1.06 -21.27
N TYR A 118 -10.23 1.02 -22.08
CA TYR A 118 -11.16 -0.11 -22.05
C TYR A 118 -10.62 -1.32 -22.81
N ALA A 119 -10.53 -2.43 -22.09
CA ALA A 119 -9.93 -3.65 -22.62
C ALA A 119 -10.95 -4.75 -22.87
N SER A 120 -10.82 -5.41 -24.02
CA SER A 120 -11.51 -6.67 -24.32
C SER A 120 -10.84 -7.83 -23.57
N PRO A 121 -11.50 -9.01 -23.53
CA PRO A 121 -10.86 -10.19 -22.90
C PRO A 121 -9.54 -10.57 -23.56
N ASP A 122 -9.37 -10.24 -24.83
CA ASP A 122 -8.13 -10.59 -25.56
C ASP A 122 -6.88 -9.94 -24.97
N VAL A 123 -7.06 -8.85 -24.21
CA VAL A 123 -5.95 -8.20 -23.54
C VAL A 123 -5.32 -9.15 -22.52
N PHE A 124 -6.12 -10.06 -21.99
CA PHE A 124 -5.66 -10.95 -20.92
C PHE A 124 -5.25 -12.34 -21.42
N LYS A 125 -4.99 -12.44 -22.71
CA LYS A 125 -4.72 -13.74 -23.34
C LYS A 125 -3.58 -14.51 -22.67
N SER A 126 -2.51 -13.82 -22.28
CA SER A 126 -1.29 -14.44 -21.78
CA SER A 126 -1.32 -14.52 -21.82
C SER A 126 -1.46 -15.07 -20.40
N LEU A 127 -2.52 -14.71 -19.71
CA LEU A 127 -2.82 -15.32 -18.41
C LEU A 127 -3.13 -16.81 -18.59
N GLY A 128 -3.55 -17.18 -19.79
CA GLY A 128 -3.83 -18.58 -20.09
C GLY A 128 -5.02 -19.15 -19.36
N CYS A 129 -6.00 -18.32 -19.05
CA CYS A 129 -7.22 -18.82 -18.44
C CYS A 129 -8.46 -18.11 -19.00
N GLU A 130 -8.69 -18.28 -20.30
CA GLU A 130 -9.79 -17.59 -20.98
C GLU A 130 -11.15 -17.89 -20.35
N ASP A 131 -11.31 -19.06 -19.74
CA ASP A 131 -12.56 -19.41 -19.09
C ASP A 131 -12.81 -18.53 -17.86
N PHE A 132 -11.78 -18.37 -17.05
CA PHE A 132 -11.87 -17.47 -15.88
C PHE A 132 -12.11 -16.03 -16.30
N ILE A 133 -11.36 -15.56 -17.29
CA ILE A 133 -11.54 -14.18 -17.77
C ILE A 133 -12.97 -13.98 -18.30
N SER A 134 -13.45 -14.94 -19.10
CA SER A 134 -14.82 -14.88 -19.61
C SER A 134 -15.85 -14.78 -18.47
N PHE A 135 -15.62 -15.50 -17.39
CA PHE A 135 -16.50 -15.50 -16.23
C PHE A 135 -16.49 -14.14 -15.55
N VAL A 136 -15.31 -13.53 -15.49
CA VAL A 136 -15.18 -12.19 -14.91
C VAL A 136 -15.97 -11.18 -15.73
N PHE A 137 -15.78 -11.20 -17.06
CA PHE A 137 -16.51 -10.29 -17.93
C PHE A 137 -18.02 -10.55 -17.88
N GLU A 138 -18.41 -11.81 -17.72
CA GLU A 138 -19.83 -12.17 -17.58
C GLU A 138 -20.48 -11.51 -16.36
N PHE A 139 -19.76 -11.55 -15.23
CA PHE A 139 -20.25 -10.94 -14.01
C PHE A 139 -20.34 -9.43 -14.17
N GLY A 140 -19.32 -8.85 -14.79
CA GLY A 140 -19.30 -7.42 -15.03
C GLY A 140 -20.48 -6.99 -15.89
N LYS A 141 -20.68 -7.70 -17.01
CA LYS A 141 -21.76 -7.36 -17.93
C LYS A 141 -23.13 -7.49 -17.26
N SER A 142 -23.28 -8.54 -16.46
CA SER A 142 -24.54 -8.78 -15.75
C SER A 142 -24.85 -7.68 -14.74
N LEU A 143 -23.86 -7.32 -13.93
CA LEU A 143 -24.06 -6.31 -12.90
C LEU A 143 -24.20 -4.92 -13.51
N CYS A 144 -23.38 -4.62 -14.50
CA CYS A 144 -23.34 -3.30 -15.14
C CYS A 144 -24.65 -3.01 -15.86
N SER A 145 -25.34 -4.07 -16.30
CA SER A 145 -26.59 -3.91 -17.03
CA SER A 145 -26.59 -3.91 -17.03
C SER A 145 -27.78 -3.69 -16.09
N MET A 146 -27.53 -3.75 -14.79
CA MET A 146 -28.59 -3.49 -13.82
C MET A 146 -28.67 -1.99 -13.55
N HIS A 147 -27.67 -1.26 -14.04
CA HIS A 147 -27.59 0.19 -13.89
C HIS A 147 -27.78 0.64 -12.44
N LEU A 148 -27.04 0.03 -11.52
CA LEU A 148 -27.11 0.40 -10.12
C LEU A 148 -26.56 1.81 -9.88
N THR A 149 -27.19 2.56 -8.98
CA THR A 149 -26.67 3.87 -8.59
C THR A 149 -25.43 3.68 -7.72
N GLU A 150 -24.72 4.78 -7.46
CA GLU A 150 -23.54 4.70 -6.62
C GLU A 150 -23.89 4.25 -5.20
N ASP A 151 -25.01 4.75 -4.68
CA ASP A 151 -25.43 4.37 -3.33
C ASP A 151 -25.82 2.91 -3.23
N GLU A 152 -26.45 2.38 -4.28
CA GLU A 152 -26.81 0.96 -4.34
C GLU A 152 -25.56 0.09 -4.41
N ILE A 153 -24.57 0.52 -5.17
CA ILE A 153 -23.28 -0.17 -5.26
C ILE A 153 -22.58 -0.15 -3.90
N ALA A 154 -22.64 0.99 -3.23
CA ALA A 154 -22.02 1.16 -1.92
C ALA A 154 -22.61 0.20 -0.89
N LEU A 155 -23.95 0.16 -0.83
CA LEU A 155 -24.63 -0.70 0.13
C LEU A 155 -24.43 -2.18 -0.20
N PHE A 156 -24.45 -2.52 -1.49
CA PHE A 156 -24.22 -3.90 -1.92
C PHE A 156 -22.80 -4.33 -1.57
N SER A 157 -21.86 -3.41 -1.72
CA SER A 157 -20.46 -3.66 -1.36
C SER A 157 -20.32 -3.90 0.12
N ALA A 158 -20.95 -3.05 0.92
CA ALA A 158 -20.90 -3.17 2.37
C ALA A 158 -21.56 -4.48 2.81
N PHE A 159 -22.63 -4.86 2.11
CA PHE A 159 -23.38 -6.08 2.43
C PHE A 159 -22.52 -7.33 2.28
N VAL A 160 -21.77 -7.42 1.19
CA VAL A 160 -20.93 -8.60 0.97
C VAL A 160 -19.72 -8.57 1.89
N LEU A 161 -19.23 -7.38 2.22
CA LEU A 161 -18.09 -7.27 3.14
C LEU A 161 -18.49 -7.72 4.53
N MET A 162 -19.71 -7.37 4.96
CA MET A 162 -20.18 -7.73 6.29
C MET A 162 -20.83 -9.11 6.36
N SER A 163 -20.19 -10.11 5.74
CA SER A 163 -20.74 -11.47 5.78
C SER A 163 -20.44 -12.17 7.10
N ALA A 164 -21.49 -12.50 7.86
CA ALA A 164 -21.32 -13.06 9.18
C ALA A 164 -20.95 -14.55 9.15
N ASP A 165 -20.91 -15.13 7.96
CA ASP A 165 -20.66 -16.56 7.84
C ASP A 165 -19.24 -16.89 7.41
N ARG A 166 -18.35 -15.90 7.39
CA ARG A 166 -16.94 -16.18 7.14
C ARG A 166 -16.38 -17.05 8.27
N SER A 167 -15.47 -17.95 7.94
CA SER A 167 -14.82 -18.76 8.94
C SER A 167 -13.98 -17.89 9.87
N TRP A 168 -13.80 -18.37 11.11
CA TRP A 168 -12.87 -17.78 12.09
C TRP A 168 -13.33 -16.44 12.68
N LEU A 169 -14.60 -16.08 12.47
CA LEU A 169 -15.14 -14.86 13.06
C LEU A 169 -15.44 -15.05 14.56
N GLN A 170 -15.32 -13.97 15.32
CA GLN A 170 -15.51 -14.05 16.77
C GLN A 170 -16.80 -13.39 17.24
N GLU A 171 -17.11 -12.22 16.68
CA GLU A 171 -18.33 -11.50 17.03
C GLU A 171 -19.41 -11.72 15.99
N LYS A 172 -19.79 -12.99 15.80
CA LYS A 172 -20.78 -13.38 14.80
C LYS A 172 -22.09 -12.61 14.93
N VAL A 173 -22.58 -12.48 16.15
CA VAL A 173 -23.86 -11.84 16.41
C VAL A 173 -23.86 -10.36 16.03
N LYS A 174 -22.79 -9.66 16.38
CA LYS A 174 -22.70 -8.24 16.08
C LYS A 174 -22.62 -8.00 14.56
N ILE A 175 -21.91 -8.88 13.87
CA ILE A 175 -21.74 -8.74 12.42
C ILE A 175 -23.04 -9.06 11.70
N GLU A 176 -23.74 -10.09 12.17
CA GLU A 176 -25.04 -10.44 11.62
C GLU A 176 -26.01 -9.26 11.72
N LYS A 177 -26.02 -8.61 12.89
CA LYS A 177 -26.89 -7.46 13.11
C LYS A 177 -26.59 -6.33 12.10
N LEU A 178 -25.30 -6.01 11.92
CA LEU A 178 -24.92 -4.96 11.00
CA LEU A 178 -24.90 -4.97 10.99
C LEU A 178 -25.28 -5.34 9.56
N GLN A 179 -25.06 -6.60 9.19
CA GLN A 179 -25.37 -7.02 7.82
C GLN A 179 -26.87 -6.97 7.53
N GLN A 180 -27.69 -7.38 8.49
CA GLN A 180 -29.13 -7.32 8.33
C GLN A 180 -29.60 -5.88 8.14
N LYS A 181 -29.03 -4.96 8.90
CA LYS A 181 -29.41 -3.55 8.76
C LYS A 181 -28.97 -2.98 7.42
N ILE A 182 -27.79 -3.39 6.96
CA ILE A 182 -27.32 -2.96 5.64
C ILE A 182 -28.26 -3.46 4.53
N GLN A 183 -28.71 -4.70 4.66
CA GLN A 183 -29.63 -5.27 3.67
C GLN A 183 -30.99 -4.54 3.67
N LEU A 184 -31.48 -4.17 4.83
CA LEU A 184 -32.72 -3.39 4.93
C LEU A 184 -32.54 -2.02 4.29
N ALA A 185 -31.37 -1.43 4.49
CA ALA A 185 -31.08 -0.13 3.89
C ALA A 185 -31.01 -0.24 2.37
N LEU A 186 -30.39 -1.32 1.89
CA LEU A 186 -30.28 -1.55 0.45
C LEU A 186 -31.66 -1.71 -0.17
N GLN A 187 -32.51 -2.49 0.49
CA GLN A 187 -33.89 -2.67 0.03
CA GLN A 187 -33.89 -2.68 0.05
C GLN A 187 -34.61 -1.33 -0.08
N HIS A 188 -34.46 -0.49 0.94
CA HIS A 188 -35.09 0.81 0.99
C HIS A 188 -34.65 1.70 -0.18
N VAL A 189 -33.35 1.75 -0.42
CA VAL A 189 -32.80 2.57 -1.49
C VAL A 189 -33.27 2.07 -2.85
N LEU A 190 -33.26 0.75 -3.04
CA LEU A 190 -33.70 0.16 -4.30
C LEU A 190 -35.16 0.51 -4.60
N GLN A 191 -36.00 0.44 -3.57
CA GLN A 191 -37.41 0.82 -3.70
C GLN A 191 -37.57 2.29 -4.06
N LYS A 192 -36.81 3.14 -3.36
CA LYS A 192 -36.84 4.59 -3.57
C LYS A 192 -36.50 4.94 -5.01
N ASN A 193 -35.58 4.18 -5.60
CA ASN A 193 -35.21 4.39 -7.00
C ASN A 193 -36.14 3.64 -7.94
N HIS A 194 -37.32 3.31 -7.44
CA HIS A 194 -38.41 2.71 -8.21
C HIS A 194 -38.00 1.44 -8.94
N ARG A 195 -37.15 0.65 -8.29
CA ARG A 195 -36.80 -0.66 -8.81
C ARG A 195 -37.90 -1.66 -8.49
N GLU A 196 -38.13 -2.59 -9.41
CA GLU A 196 -39.02 -3.73 -9.16
C GLU A 196 -38.51 -4.51 -7.96
N ASP A 197 -39.41 -5.21 -7.26
CA ASP A 197 -39.01 -5.91 -6.04
C ASP A 197 -38.08 -7.08 -6.32
N GLY A 198 -38.02 -7.49 -7.58
CA GLY A 198 -37.13 -8.57 -7.99
C GLY A 198 -35.69 -8.12 -8.15
N ILE A 199 -35.42 -6.85 -7.87
CA ILE A 199 -34.06 -6.33 -8.00
C ILE A 199 -33.16 -6.90 -6.91
N LEU A 200 -33.62 -6.92 -5.67
CA LEU A 200 -32.77 -7.32 -4.57
C LEU A 200 -32.47 -8.82 -4.59
N THR A 201 -33.45 -9.61 -4.99
CA THR A 201 -33.23 -11.04 -5.07
C THR A 201 -32.26 -11.39 -6.18
N LYS A 202 -32.25 -10.58 -7.24
CA LYS A 202 -31.26 -10.72 -8.30
C LYS A 202 -29.84 -10.46 -7.75
N LEU A 203 -29.71 -9.43 -6.91
CA LEU A 203 -28.42 -9.10 -6.30
C LEU A 203 -27.95 -10.19 -5.36
N ILE A 204 -28.86 -10.71 -4.54
CA ILE A 204 -28.55 -11.78 -3.61
C ILE A 204 -28.01 -13.01 -4.34
N CYS A 205 -28.61 -13.32 -5.48
CA CYS A 205 -28.14 -14.41 -6.32
C CYS A 205 -26.71 -14.17 -6.79
N LYS A 206 -26.36 -12.91 -7.04
CA LYS A 206 -25.03 -12.57 -7.53
C LYS A 206 -23.94 -12.87 -6.51
N VAL A 207 -24.33 -12.94 -5.24
CA VAL A 207 -23.36 -13.17 -4.17
C VAL A 207 -22.69 -14.53 -4.34
N SER A 208 -23.48 -15.53 -4.72
CA SER A 208 -22.94 -16.86 -4.98
C SER A 208 -21.93 -16.80 -6.13
N THR A 209 -22.27 -16.06 -7.18
CA THR A 209 -21.37 -15.91 -8.33
C THR A 209 -20.06 -15.24 -7.91
N LEU A 210 -20.18 -14.20 -7.08
CA LEU A 210 -19.01 -13.49 -6.54
C LEU A 210 -18.06 -14.42 -5.82
N ARG A 211 -18.60 -15.24 -4.93
CA ARG A 211 -17.76 -16.15 -4.16
C ARG A 211 -17.08 -17.19 -5.05
N ALA A 212 -17.78 -17.63 -6.09
CA ALA A 212 -17.22 -18.57 -7.05
C ALA A 212 -16.05 -17.94 -7.81
N LEU A 213 -16.22 -16.67 -8.17
CA LEU A 213 -15.15 -15.90 -8.83
C LEU A 213 -13.93 -15.79 -7.95
N CYS A 214 -14.14 -15.33 -6.72
CA CYS A 214 -13.03 -15.20 -5.78
C CYS A 214 -12.42 -16.56 -5.47
N GLY A 215 -13.26 -17.59 -5.42
CA GLY A 215 -12.81 -18.95 -5.26
C GLY A 215 -11.81 -19.38 -6.33
N ARG A 216 -12.14 -19.09 -7.59
CA ARG A 216 -11.23 -19.40 -8.70
C ARG A 216 -9.91 -18.65 -8.56
N HIS A 217 -10.00 -17.37 -8.22
CA HIS A 217 -8.80 -16.54 -8.09
C HIS A 217 -7.86 -17.12 -7.03
N THR A 218 -8.44 -17.51 -5.90
CA THR A 218 -7.68 -18.10 -4.80
C THR A 218 -6.98 -19.39 -5.23
N GLU A 219 -7.72 -20.30 -5.86
CA GLU A 219 -7.12 -21.58 -6.25
C GLU A 219 -6.06 -21.37 -7.33
N LYS A 220 -6.30 -20.41 -8.23
CA LYS A 220 -5.29 -20.09 -9.24
C LYS A 220 -4.02 -19.54 -8.59
N LEU A 221 -4.19 -18.59 -7.66
CA LEU A 221 -3.02 -18.00 -7.04
C LEU A 221 -2.25 -19.03 -6.20
N MET A 222 -2.96 -19.86 -5.45
CA MET A 222 -2.28 -20.86 -4.62
C MET A 222 -1.50 -21.87 -5.47
N ALA A 223 -2.03 -22.22 -6.63
CA ALA A 223 -1.33 -23.12 -7.55
C ALA A 223 -0.08 -22.45 -8.09
N PHE A 224 -0.21 -21.18 -8.43
CA PHE A 224 0.92 -20.39 -8.92
C PHE A 224 2.01 -20.32 -7.85
N LYS A 225 1.60 -20.05 -6.61
CA LYS A 225 2.55 -19.95 -5.51
C LYS A 225 3.27 -21.29 -5.25
N ALA A 226 2.56 -22.39 -5.46
CA ALA A 226 3.12 -23.72 -5.21
C ALA A 226 4.26 -24.04 -6.18
N ILE A 227 4.13 -23.59 -7.42
CA ILE A 227 5.11 -23.92 -8.45
C ILE A 227 6.19 -22.84 -8.54
N TYR A 228 5.77 -21.59 -8.36
CA TYR A 228 6.64 -20.42 -8.44
C TYR A 228 6.74 -19.62 -7.13
N PRO A 229 7.22 -20.24 -6.04
CA PRO A 229 7.16 -19.55 -4.75
C PRO A 229 8.04 -18.30 -4.67
N ASP A 230 9.20 -18.33 -5.34
CA ASP A 230 10.10 -17.19 -5.30
C ASP A 230 9.54 -16.01 -6.10
N ILE A 231 8.85 -16.30 -7.21
CA ILE A 231 8.23 -15.23 -7.98
C ILE A 231 7.16 -14.53 -7.15
N VAL A 232 6.30 -15.31 -6.50
CA VAL A 232 5.28 -14.72 -5.63
C VAL A 232 5.91 -13.90 -4.50
N ARG A 233 6.87 -14.50 -3.81
CA ARG A 233 7.49 -13.87 -2.64
C ARG A 233 8.19 -12.56 -3.03
N LEU A 234 8.88 -12.56 -4.17
CA LEU A 234 9.76 -11.44 -4.50
C LEU A 234 9.12 -10.35 -5.35
N HIS A 235 8.15 -10.73 -6.19
CA HIS A 235 7.64 -9.81 -7.21
C HIS A 235 6.17 -9.42 -7.10
N PHE A 236 5.40 -10.08 -6.24
CA PHE A 236 3.99 -9.71 -6.05
C PHE A 236 3.85 -8.72 -4.89
N PRO A 237 2.80 -7.88 -4.93
CA PRO A 237 2.64 -6.88 -3.87
C PRO A 237 2.41 -7.53 -2.51
N PRO A 238 3.03 -7.00 -1.45
CA PRO A 238 2.91 -7.53 -0.09
C PRO A 238 1.47 -7.67 0.39
N LEU A 239 0.62 -6.67 0.10
CA LEU A 239 -0.76 -6.72 0.54
C LEU A 239 -1.49 -7.87 -0.17
N TYR A 240 -1.16 -8.06 -1.44
CA TYR A 240 -1.73 -9.12 -2.26
C TYR A 240 -1.38 -10.50 -1.68
N LYS A 241 -0.09 -10.72 -1.43
CA LYS A 241 0.36 -11.97 -0.81
C LYS A 241 -0.33 -12.19 0.53
N GLU A 242 -0.44 -11.12 1.29
CA GLU A 242 -0.96 -11.18 2.65
C GLU A 242 -2.45 -11.51 2.70
N LEU A 243 -3.22 -10.90 1.80
CA LEU A 243 -4.66 -11.12 1.80
C LEU A 243 -5.06 -12.48 1.24
N PHE A 244 -4.32 -12.96 0.24
CA PHE A 244 -4.77 -14.12 -0.52
C PHE A 244 -3.93 -15.39 -0.39
N THR A 245 -2.74 -15.32 0.20
CA THR A 245 -1.91 -16.52 0.32
C THR A 245 -1.54 -16.84 1.78
N THR B 1 -0.90 -7.85 9.18
CA THR B 1 0.43 -7.29 9.44
C THR B 1 0.56 -5.95 8.72
N LEU B 2 0.79 -6.00 7.42
CA LEU B 2 0.59 -4.80 6.61
C LEU B 2 -0.89 -4.41 6.70
N LEU B 3 -1.77 -5.39 6.70
CA LEU B 3 -3.19 -5.12 6.87
C LEU B 3 -3.43 -4.53 8.26
N GLN B 4 -2.79 -5.09 9.27
CA GLN B 4 -2.88 -4.56 10.63
C GLN B 4 -2.42 -3.11 10.68
N LEU B 5 -1.33 -2.81 9.98
CA LEU B 5 -0.82 -1.45 9.89
C LEU B 5 -1.84 -0.49 9.28
N LEU B 6 -2.36 -0.85 8.12
CA LEU B 6 -3.32 -0.01 7.40
C LEU B 6 -4.61 0.21 8.20
N LEU B 7 -4.97 -0.75 9.05
CA LEU B 7 -6.20 -0.63 9.84
C LEU B 7 -5.96 0.13 11.14
N GLY B 8 -4.70 0.46 11.43
CA GLY B 8 -4.37 1.20 12.64
C GLY B 8 -4.46 0.37 13.92
N HIS B 9 -4.38 -0.95 13.77
CA HIS B 9 -4.36 -1.84 14.93
C HIS B 9 -3.07 -1.65 15.73
N SER C 2 8.11 23.19 28.53
CA SER C 2 8.75 22.70 29.75
C SER C 2 9.42 21.36 29.51
N MET C 3 10.14 20.89 30.53
CA MET C 3 10.85 19.61 30.44
C MET C 3 9.87 18.45 30.39
N ALA C 4 8.74 18.59 31.07
CA ALA C 4 7.72 17.55 31.10
C ALA C 4 7.04 17.41 29.75
N GLU C 5 7.00 18.49 28.98
CA GLU C 5 6.41 18.46 27.65
C GLU C 5 7.37 17.82 26.64
N LEU C 6 8.67 17.93 26.92
CA LEU C 6 9.67 17.25 26.10
C LEU C 6 9.58 15.75 26.33
N GLU C 7 9.35 15.37 27.57
CA GLU C 7 9.17 13.97 27.93
C GLU C 7 7.94 13.40 27.23
N HIS C 8 6.88 14.20 27.18
CA HIS C 8 5.63 13.77 26.54
C HIS C 8 5.83 13.59 25.04
N LEU C 9 6.47 14.57 24.41
CA LEU C 9 6.75 14.49 22.98
C LEU C 9 7.62 13.28 22.67
N ALA C 10 8.68 13.09 23.45
CA ALA C 10 9.59 11.98 23.27
C ALA C 10 8.85 10.64 23.39
N GLN C 11 7.92 10.57 24.33
CA GLN C 11 7.13 9.37 24.56
C GLN C 11 6.21 9.06 23.39
N ASN C 12 5.56 10.09 22.86
CA ASN C 12 4.64 9.93 21.73
C ASN C 12 5.35 9.48 20.45
N ILE C 13 6.51 10.08 20.17
CA ILE C 13 7.25 9.71 18.98
C ILE C 13 7.82 8.29 19.12
N SER C 14 8.28 7.95 20.32
CA SER C 14 8.78 6.60 20.58
C SER C 14 7.70 5.54 20.36
N LYS C 15 6.49 5.83 20.86
CA LYS C 15 5.35 4.94 20.69
C LYS C 15 5.01 4.75 19.21
N SER C 16 4.99 5.85 18.48
CA SER C 16 4.66 5.81 17.05
C SER C 16 5.68 4.98 16.28
N HIS C 17 6.94 5.10 16.66
CA HIS C 17 8.00 4.32 16.03
C HIS C 17 7.82 2.83 16.34
N LEU C 18 7.66 2.52 17.62
CA LEU C 18 7.45 1.14 18.03
C LEU C 18 6.30 0.49 17.27
N GLU C 19 5.20 1.24 17.11
CA GLU C 19 4.00 0.70 16.48
C GLU C 19 4.14 0.51 14.98
N THR C 20 5.06 1.24 14.36
CA THR C 20 5.16 1.22 12.90
C THR C 20 6.46 0.63 12.40
N CYS C 21 7.21 -0.04 13.27
CA CYS C 21 8.35 -0.82 12.80
CA CYS C 21 8.35 -0.80 12.79
C CYS C 21 7.84 -2.17 12.33
N GLN C 22 8.35 -2.65 11.21
CA GLN C 22 7.93 -3.93 10.67
C GLN C 22 8.44 -5.09 11.50
N TYR C 23 9.66 -4.94 12.02
CA TYR C 23 10.29 -5.99 12.82
C TYR C 23 10.70 -5.45 14.18
N LEU C 24 10.52 -6.27 15.21
CA LEU C 24 11.04 -5.94 16.52
C LEU C 24 12.56 -6.01 16.49
N ARG C 25 13.21 -5.09 17.19
CA ARG C 25 14.67 -4.98 17.20
C ARG C 25 15.35 -6.29 17.58
N GLU C 26 14.76 -6.99 18.56
CA GLU C 26 15.33 -8.22 19.08
C GLU C 26 15.24 -9.34 18.06
N GLU C 27 14.16 -9.35 17.28
CA GLU C 27 13.98 -10.35 16.23
C GLU C 27 15.03 -10.19 15.14
N LEU C 28 15.34 -8.95 14.82
CA LEU C 28 16.36 -8.65 13.80
C LEU C 28 17.74 -9.08 14.28
N GLN C 29 18.01 -8.83 15.55
CA GLN C 29 19.35 -9.07 16.08
C GLN C 29 19.64 -10.56 16.28
N GLN C 30 18.62 -11.34 16.62
CA GLN C 30 18.85 -12.74 16.95
C GLN C 30 18.98 -13.64 15.72
N ILE C 31 18.85 -13.07 14.52
CA ILE C 31 19.09 -13.86 13.32
C ILE C 31 20.20 -13.31 12.43
N THR C 32 21.11 -12.52 13.00
CA THR C 32 22.25 -12.03 12.22
C THR C 32 23.14 -13.18 11.76
N TRP C 33 23.04 -14.32 12.44
CA TRP C 33 23.83 -15.48 12.08
C TRP C 33 23.38 -16.05 10.74
N GLN C 34 22.13 -15.80 10.38
CA GLN C 34 21.58 -16.35 9.15
C GLN C 34 21.90 -15.48 7.94
N THR C 35 23.02 -15.77 7.30
CA THR C 35 23.46 -15.04 6.12
C THR C 35 23.13 -15.86 4.89
N PHE C 36 23.13 -15.24 3.72
CA PHE C 36 22.88 -15.98 2.49
C PHE C 36 24.00 -16.97 2.19
N LEU C 37 23.61 -18.20 1.87
CA LEU C 37 24.54 -19.18 1.32
C LEU C 37 25.13 -18.65 0.02
N GLN C 38 26.34 -19.08 -0.31
CA GLN C 38 26.98 -18.63 -1.55
C GLN C 38 26.16 -19.05 -2.76
N GLU C 39 25.45 -20.18 -2.64
CA GLU C 39 24.52 -20.62 -3.67
C GLU C 39 23.38 -19.63 -3.84
N GLU C 40 22.90 -19.08 -2.72
CA GLU C 40 21.80 -18.11 -2.76
C GLU C 40 22.26 -16.78 -3.34
N ILE C 41 23.51 -16.40 -3.06
CA ILE C 41 24.06 -15.17 -3.60
C ILE C 41 24.14 -15.24 -5.12
N GLU C 42 24.62 -16.37 -5.63
CA GLU C 42 24.73 -16.58 -7.07
C GLU C 42 23.35 -16.58 -7.74
N ASN C 43 22.34 -17.05 -7.01
CA ASN C 43 20.96 -16.98 -7.50
C ASN C 43 20.52 -15.53 -7.73
N TYR C 44 20.78 -14.66 -6.76
CA TYR C 44 20.45 -13.24 -6.92
C TYR C 44 21.26 -12.58 -8.03
N GLN C 45 22.54 -12.94 -8.11
CA GLN C 45 23.40 -12.38 -9.14
C GLN C 45 23.00 -12.85 -10.53
N ASN C 46 22.28 -13.97 -10.60
CA ASN C 46 21.80 -14.51 -11.86
C ASN C 46 20.59 -13.74 -12.40
N LYS C 47 19.96 -12.94 -11.54
CA LYS C 47 18.74 -12.24 -11.92
C LYS C 47 19.04 -11.09 -12.87
N GLN C 48 18.18 -10.90 -13.88
CA GLN C 48 18.31 -9.80 -14.82
C GLN C 48 18.22 -8.46 -14.09
N ARG C 49 18.86 -7.43 -14.66
CA ARG C 49 18.89 -6.13 -14.02
C ARG C 49 17.49 -5.60 -13.69
N GLU C 50 16.56 -5.70 -14.63
CA GLU C 50 15.23 -5.14 -14.40
C GLU C 50 14.43 -5.96 -13.39
N VAL C 51 14.72 -7.27 -13.33
CA VAL C 51 14.09 -8.16 -12.36
C VAL C 51 14.59 -7.81 -10.95
N MET C 52 15.89 -7.62 -10.80
CA MET C 52 16.44 -7.27 -9.49
C MET C 52 15.94 -5.88 -9.05
N TRP C 53 15.88 -4.94 -9.98
CA TRP C 53 15.39 -3.59 -9.65
C TRP C 53 13.95 -3.62 -9.14
N GLN C 54 13.11 -4.41 -9.80
CA GLN C 54 11.70 -4.44 -9.46
C GLN C 54 11.51 -5.06 -8.08
N LEU C 55 12.22 -6.15 -7.78
CA LEU C 55 12.03 -6.77 -6.48
C LEU C 55 12.58 -5.86 -5.37
N CYS C 56 13.65 -5.12 -5.65
CA CYS C 56 14.16 -4.17 -4.67
C CYS C 56 13.19 -3.00 -4.45
N ALA C 57 12.51 -2.58 -5.52
CA ALA C 57 11.53 -1.49 -5.40
C ALA C 57 10.34 -1.91 -4.55
N ILE C 58 9.92 -3.16 -4.69
CA ILE C 58 8.84 -3.70 -3.88
C ILE C 58 9.19 -3.71 -2.39
N LYS C 59 10.42 -4.12 -2.08
CA LYS C 59 10.92 -4.16 -0.71
C LYS C 59 11.05 -2.75 -0.08
N ILE C 60 11.63 -1.82 -0.84
CA ILE C 60 11.72 -0.44 -0.39
C ILE C 60 10.33 0.16 -0.18
N THR C 61 9.42 -0.12 -1.09
CA THR C 61 8.07 0.43 -0.99
C THR C 61 7.35 -0.12 0.23
N GLU C 62 7.62 -1.38 0.57
CA GLU C 62 7.01 -1.96 1.75
C GLU C 62 7.46 -1.19 3.00
N ALA C 63 8.77 -0.93 3.10
CA ALA C 63 9.31 -0.18 4.23
C ALA C 63 8.72 1.24 4.28
N ILE C 64 8.53 1.83 3.11
CA ILE C 64 7.99 3.18 3.03
C ILE C 64 6.55 3.23 3.52
N GLN C 65 5.77 2.17 3.28
CA GLN C 65 4.39 2.15 3.75
C GLN C 65 4.34 2.33 5.27
N TYR C 66 5.30 1.69 5.96
CA TYR C 66 5.39 1.82 7.41
C TYR C 66 5.82 3.22 7.84
N VAL C 67 6.73 3.82 7.08
CA VAL C 67 7.19 5.19 7.38
C VAL C 67 6.06 6.20 7.21
N VAL C 68 5.22 6.02 6.19
CA VAL C 68 4.08 6.91 5.98
C VAL C 68 3.15 6.86 7.21
N GLU C 69 2.95 5.66 7.76
CA GLU C 69 2.11 5.54 8.94
C GLU C 69 2.81 6.12 10.18
N PHE C 70 4.12 6.01 10.24
CA PHE C 70 4.89 6.69 11.28
C PHE C 70 4.65 8.20 11.25
N ALA C 71 4.74 8.78 10.06
CA ALA C 71 4.59 10.21 9.85
C ALA C 71 3.21 10.67 10.30
N LYS C 72 2.18 9.95 9.89
CA LYS C 72 0.81 10.28 10.25
C LYS C 72 0.56 10.32 11.75
N ARG C 73 1.38 9.62 12.53
CA ARG C 73 1.17 9.53 13.96
C ARG C 73 2.04 10.52 14.74
N ILE C 74 2.85 11.28 14.01
CA ILE C 74 3.62 12.36 14.63
C ILE C 74 2.71 13.57 14.80
N ASP C 75 2.55 14.01 16.04
CA ASP C 75 1.68 15.15 16.35
C ASP C 75 2.13 16.39 15.60
N GLY C 76 1.20 17.02 14.88
CA GLY C 76 1.53 18.20 14.13
C GLY C 76 1.71 17.95 12.66
N PHE C 77 2.08 16.72 12.29
CA PHE C 77 2.24 16.38 10.89
C PHE C 77 0.91 16.47 10.16
N MET C 78 -0.11 15.86 10.75
CA MET C 78 -1.45 15.90 10.15
C MET C 78 -2.05 17.30 10.21
N GLU C 79 -1.46 18.17 11.02
CA GLU C 79 -1.88 19.56 11.09
C GLU C 79 -1.40 20.35 9.89
N LEU C 80 -0.29 19.91 9.31
CA LEU C 80 0.31 20.63 8.19
C LEU C 80 -0.61 20.60 6.98
N CYS C 81 -0.55 21.65 6.16
CA CYS C 81 -1.29 21.69 4.92
C CYS C 81 -0.91 20.50 4.05
N GLN C 82 -1.80 20.11 3.16
CA GLN C 82 -1.61 18.91 2.35
C GLN C 82 -0.36 19.00 1.47
N ASN C 83 -0.07 20.18 0.93
CA ASN C 83 1.15 20.36 0.13
C ASN C 83 2.38 19.97 0.92
N ASP C 84 2.47 20.47 2.14
CA ASP C 84 3.66 20.28 2.96
C ASP C 84 3.81 18.85 3.42
N GLN C 85 2.70 18.17 3.74
CA GLN C 85 2.77 16.76 4.11
C GLN C 85 3.41 15.96 3.00
N ILE C 86 2.97 16.21 1.78
CA ILE C 86 3.45 15.47 0.63
C ILE C 86 4.91 15.82 0.32
N VAL C 87 5.24 17.11 0.35
CA VAL C 87 6.63 17.51 0.15
C VAL C 87 7.55 16.81 1.18
N LEU C 88 7.15 16.83 2.45
CA LEU C 88 7.98 16.21 3.49
C LEU C 88 8.14 14.70 3.27
N LEU C 89 7.09 14.04 2.82
CA LEU C 89 7.19 12.59 2.59
C LEU C 89 8.00 12.23 1.34
N LYS C 90 7.85 12.99 0.26
CA LYS C 90 8.63 12.76 -0.95
C LYS C 90 10.11 12.89 -0.68
N ALA C 91 10.47 13.87 0.16
CA ALA C 91 11.87 14.15 0.44
C ALA C 91 12.43 13.26 1.55
N GLY C 92 11.59 12.91 2.52
CA GLY C 92 12.08 12.29 3.73
C GLY C 92 11.76 10.83 4.00
N SER C 93 10.79 10.25 3.30
CA SER C 93 10.39 8.88 3.60
CA SER C 93 10.39 8.86 3.56
C SER C 93 11.56 7.89 3.40
N LEU C 94 12.33 8.06 2.34
CA LEU C 94 13.46 7.16 2.11
C LEU C 94 14.60 7.40 3.12
N GLU C 95 14.73 8.66 3.57
CA GLU C 95 15.70 8.97 4.61
C GLU C 95 15.38 8.18 5.88
N VAL C 96 14.11 8.10 6.25
CA VAL C 96 13.75 7.34 7.45
C VAL C 96 13.99 5.83 7.23
N VAL C 97 13.80 5.38 5.99
CA VAL C 97 14.07 3.96 5.69
C VAL C 97 15.55 3.66 5.90
N PHE C 98 16.43 4.54 5.44
CA PHE C 98 17.88 4.33 5.62
C PHE C 98 18.29 4.44 7.10
N ILE C 99 17.57 5.24 7.87
CA ILE C 99 17.79 5.28 9.32
C ILE C 99 17.39 3.95 9.94
N ARG C 100 16.18 3.50 9.59
CA ARG C 100 15.65 2.25 10.10
C ARG C 100 16.48 1.05 9.70
N MET C 101 17.18 1.18 8.57
CA MET C 101 18.08 0.13 8.11
C MET C 101 19.12 -0.23 9.17
N CYS C 102 19.52 0.74 9.99
CA CYS C 102 20.53 0.51 11.01
C CYS C 102 20.05 -0.45 12.09
N ARG C 103 18.74 -0.59 12.24
CA ARG C 103 18.18 -1.58 13.15
C ARG C 103 18.40 -2.99 12.61
N ALA C 104 18.56 -3.08 11.29
CA ALA C 104 18.61 -4.36 10.61
C ALA C 104 19.95 -4.54 9.91
N PHE C 105 21.01 -4.05 10.55
CA PHE C 105 22.34 -4.06 9.95
C PHE C 105 23.35 -4.72 10.89
N ASP C 106 24.14 -5.63 10.34
CA ASP C 106 25.21 -6.27 11.10
C ASP C 106 26.51 -5.55 10.77
N SER C 107 26.91 -4.65 11.66
CA SER C 107 28.09 -3.82 11.44
C SER C 107 29.37 -4.65 11.39
N GLN C 108 29.47 -5.64 12.26
CA GLN C 108 30.65 -6.50 12.33
C GLN C 108 30.92 -7.22 11.01
N ASN C 109 29.86 -7.67 10.35
CA ASN C 109 29.98 -8.49 9.16
C ASN C 109 29.58 -7.80 7.85
N ASN C 110 29.19 -6.53 7.95
CA ASN C 110 28.78 -5.75 6.78
C ASN C 110 27.64 -6.41 6.00
N THR C 111 26.53 -6.69 6.70
CA THR C 111 25.37 -7.33 6.09
C THR C 111 24.08 -6.65 6.51
N VAL C 112 23.06 -6.75 5.67
CA VAL C 112 21.79 -6.10 5.92
C VAL C 112 20.65 -7.09 5.75
N TYR C 113 19.63 -6.99 6.60
CA TYR C 113 18.50 -7.90 6.55
C TYR C 113 17.71 -7.71 5.26
N PHE C 114 17.59 -8.76 4.47
CA PHE C 114 17.00 -8.67 3.14
C PHE C 114 16.45 -10.03 2.70
N ASP C 115 15.15 -10.10 2.41
CA ASP C 115 14.49 -11.33 1.97
C ASP C 115 14.74 -12.49 2.93
N GLY C 116 14.65 -12.19 4.23
CA GLY C 116 14.68 -13.22 5.25
C GLY C 116 16.04 -13.61 5.79
N LYS C 117 17.12 -13.11 5.19
CA LYS C 117 18.48 -13.40 5.67
C LYS C 117 19.35 -12.16 5.62
N TYR C 118 20.56 -12.23 6.17
CA TYR C 118 21.46 -11.09 6.14
C TYR C 118 22.35 -11.14 4.90
N ALA C 119 22.30 -10.06 4.14
CA ALA C 119 22.89 -10.00 2.81
C ALA C 119 24.13 -9.12 2.72
N SER C 120 25.17 -9.65 2.08
CA SER C 120 26.36 -8.87 1.75
C SER C 120 26.04 -7.96 0.56
N PRO C 121 26.92 -6.97 0.27
CA PRO C 121 26.67 -6.11 -0.89
C PRO C 121 26.61 -6.90 -2.21
N ASP C 122 27.25 -8.06 -2.23
CA ASP C 122 27.31 -8.89 -3.44
C ASP C 122 25.94 -9.40 -3.88
N VAL C 123 24.98 -9.45 -2.96
CA VAL C 123 23.62 -9.85 -3.28
C VAL C 123 22.98 -8.88 -4.29
N PHE C 124 23.43 -7.63 -4.27
CA PHE C 124 22.78 -6.59 -5.05
C PHE C 124 23.51 -6.28 -6.37
N LYS C 125 24.42 -7.16 -6.76
CA LYS C 125 25.24 -6.97 -7.95
C LYS C 125 24.43 -6.65 -9.21
N SER C 126 23.31 -7.34 -9.40
CA SER C 126 22.53 -7.19 -10.63
C SER C 126 21.84 -5.82 -10.77
N LEU C 127 21.76 -5.05 -9.70
CA LEU C 127 21.29 -3.66 -9.82
C LEU C 127 22.20 -2.81 -10.71
N GLY C 128 23.45 -3.22 -10.82
CA GLY C 128 24.40 -2.51 -11.66
C GLY C 128 24.86 -1.16 -11.10
N CYS C 129 24.85 -1.02 -9.78
CA CYS C 129 25.37 0.20 -9.15
C CYS C 129 26.16 -0.12 -7.90
N GLU C 130 27.32 -0.72 -8.11
CA GLU C 130 28.18 -1.18 -7.02
C GLU C 130 28.56 -0.07 -6.04
N ASP C 131 28.86 1.11 -6.55
CA ASP C 131 29.34 2.20 -5.68
C ASP C 131 28.23 2.77 -4.81
N PHE C 132 27.01 2.81 -5.35
CA PHE C 132 25.86 3.26 -4.58
C PHE C 132 25.57 2.28 -3.43
N ILE C 133 25.64 0.99 -3.73
CA ILE C 133 25.40 -0.03 -2.71
C ILE C 133 26.47 0.04 -1.62
N SER C 134 27.72 0.26 -2.03
CA SER C 134 28.81 0.42 -1.06
C SER C 134 28.54 1.61 -0.14
N PHE C 135 28.02 2.68 -0.73
CA PHE C 135 27.67 3.89 0.00
C PHE C 135 26.57 3.59 1.03
N VAL C 136 25.56 2.84 0.60
CA VAL C 136 24.49 2.41 1.49
C VAL C 136 25.04 1.65 2.68
N PHE C 137 25.89 0.65 2.42
CA PHE C 137 26.44 -0.17 3.49
C PHE C 137 27.35 0.67 4.39
N GLU C 138 28.07 1.61 3.79
CA GLU C 138 28.93 2.51 4.55
C GLU C 138 28.13 3.32 5.58
N PHE C 139 26.95 3.78 5.17
CA PHE C 139 26.07 4.53 6.08
C PHE C 139 25.54 3.64 7.20
N GLY C 140 25.19 2.39 6.87
CA GLY C 140 24.74 1.44 7.87
C GLY C 140 25.81 1.26 8.93
N LYS C 141 27.05 1.08 8.48
CA LYS C 141 28.17 0.93 9.40
C LYS C 141 28.33 2.12 10.34
N SER C 142 28.32 3.32 9.78
CA SER C 142 28.57 4.51 10.60
C SER C 142 27.44 4.78 11.58
N LEU C 143 26.19 4.57 11.16
CA LEU C 143 25.07 4.81 12.07
C LEU C 143 25.03 3.73 13.16
N CYS C 144 25.42 2.51 12.82
CA CYS C 144 25.50 1.43 13.81
C CYS C 144 26.56 1.68 14.88
N SER C 145 27.66 2.33 14.48
CA SER C 145 28.76 2.60 15.40
C SER C 145 28.35 3.57 16.50
N MET C 146 27.14 4.13 16.39
CA MET C 146 26.64 5.06 17.38
C MET C 146 25.79 4.35 18.43
N HIS C 147 25.37 3.12 18.10
CA HIS C 147 24.59 2.27 19.00
C HIS C 147 23.35 2.97 19.53
N LEU C 148 22.54 3.49 18.63
CA LEU C 148 21.34 4.23 19.00
C LEU C 148 20.25 3.33 19.58
N THR C 149 19.60 3.82 20.65
CA THR C 149 18.47 3.12 21.23
C THR C 149 17.23 3.31 20.35
N GLU C 150 16.18 2.54 20.60
CA GLU C 150 14.97 2.65 19.80
C GLU C 150 14.37 4.05 19.88
N ASP C 151 14.43 4.64 21.06
CA ASP C 151 13.89 5.98 21.28
C ASP C 151 14.70 7.04 20.52
N GLU C 152 16.01 6.84 20.47
CA GLU C 152 16.90 7.76 19.78
C GLU C 152 16.67 7.67 18.27
N ILE C 153 16.48 6.44 17.79
CA ILE C 153 16.16 6.20 16.39
C ILE C 153 14.81 6.82 16.04
N ALA C 154 13.85 6.66 16.95
CA ALA C 154 12.52 7.26 16.81
C ALA C 154 12.61 8.78 16.63
N LEU C 155 13.27 9.45 17.58
CA LEU C 155 13.38 10.90 17.54
C LEU C 155 14.22 11.41 16.37
N PHE C 156 15.29 10.70 16.05
CA PHE C 156 16.12 11.08 14.91
C PHE C 156 15.33 10.97 13.61
N SER C 157 14.49 9.94 13.49
CA SER C 157 13.62 9.77 12.33
C SER C 157 12.65 10.94 12.17
N ALA C 158 12.00 11.30 13.29
CA ALA C 158 11.08 12.43 13.31
C ALA C 158 11.80 13.72 12.93
N PHE C 159 13.02 13.88 13.45
CA PHE C 159 13.82 15.06 13.17
C PHE C 159 14.08 15.26 11.68
N VAL C 160 14.51 14.20 10.98
CA VAL C 160 14.82 14.35 9.57
C VAL C 160 13.54 14.48 8.75
N LEU C 161 12.44 13.90 9.23
CA LEU C 161 11.18 13.96 8.51
C LEU C 161 10.59 15.37 8.59
N MET C 162 10.68 15.97 9.77
CA MET C 162 10.14 17.31 10.00
C MET C 162 11.18 18.38 9.71
N SER C 163 11.76 18.34 8.52
CA SER C 163 12.79 19.30 8.16
CA SER C 163 12.80 19.29 8.13
C SER C 163 12.21 20.54 7.47
N ALA C 164 12.49 21.71 8.02
CA ALA C 164 11.94 22.94 7.49
C ALA C 164 12.68 23.45 6.25
N ASP C 165 13.84 22.88 5.96
CA ASP C 165 14.65 23.40 4.86
C ASP C 165 14.42 22.68 3.52
N ARG C 166 13.36 21.87 3.45
CA ARG C 166 12.98 21.23 2.19
C ARG C 166 12.54 22.29 1.18
N SER C 167 12.81 22.04 -0.10
CA SER C 167 12.26 22.88 -1.16
C SER C 167 10.73 22.81 -1.17
N TRP C 168 10.08 23.90 -1.57
CA TRP C 168 8.65 23.94 -1.89
C TRP C 168 7.70 23.91 -0.69
N LEU C 169 8.24 24.02 0.53
CA LEU C 169 7.39 24.07 1.73
C LEU C 169 6.67 25.41 1.85
N GLN C 170 5.43 25.38 2.32
CA GLN C 170 4.66 26.63 2.44
C GLN C 170 4.60 27.15 3.87
N GLU C 171 4.76 26.27 4.85
CA GLU C 171 4.68 26.66 6.24
C GLU C 171 5.97 26.30 6.97
N LYS C 172 7.08 26.83 6.47
CA LYS C 172 8.41 26.55 7.03
C LYS C 172 8.53 26.93 8.50
N VAL C 173 7.92 28.06 8.87
CA VAL C 173 8.00 28.55 10.25
C VAL C 173 7.39 27.53 11.22
N LYS C 174 6.19 27.06 10.89
CA LYS C 174 5.51 26.09 11.73
C LYS C 174 6.31 24.79 11.85
N ILE C 175 6.86 24.35 10.72
CA ILE C 175 7.64 23.13 10.69
C ILE C 175 8.94 23.28 11.48
N GLU C 176 9.56 24.46 11.38
CA GLU C 176 10.79 24.74 12.11
C GLU C 176 10.57 24.67 13.61
N LYS C 177 9.44 25.19 14.08
CA LYS C 177 9.10 25.17 15.50
C LYS C 177 8.95 23.73 15.99
N LEU C 178 8.28 22.92 15.18
CA LEU C 178 8.12 21.49 15.46
C LEU C 178 9.46 20.78 15.54
N GLN C 179 10.32 21.02 14.55
CA GLN C 179 11.61 20.34 14.49
C GLN C 179 12.50 20.70 15.67
N GLN C 180 12.45 21.96 16.08
CA GLN C 180 13.28 22.41 17.19
C GLN C 180 12.89 21.71 18.49
N LYS C 181 11.59 21.51 18.69
CA LYS C 181 11.11 20.78 19.86
C LYS C 181 11.54 19.32 19.80
N ILE C 182 11.45 18.73 18.61
CA ILE C 182 11.92 17.37 18.41
C ILE C 182 13.43 17.28 18.68
N GLN C 183 14.19 18.29 18.26
CA GLN C 183 15.62 18.31 18.49
C GLN C 183 15.96 18.38 19.98
N LEU C 184 15.20 19.18 20.73
CA LEU C 184 15.42 19.28 22.16
C LEU C 184 15.09 17.97 22.86
N ALA C 185 14.06 17.29 22.37
CA ALA C 185 13.68 15.98 22.91
C ALA C 185 14.79 14.97 22.65
N LEU C 186 15.32 14.98 21.44
CA LEU C 186 16.44 14.11 21.07
C LEU C 186 17.67 14.36 21.95
N GLN C 187 17.98 15.63 22.17
CA GLN C 187 19.14 15.98 22.98
C GLN C 187 18.97 15.51 24.42
N HIS C 188 17.75 15.58 24.93
CA HIS C 188 17.45 15.14 26.29
C HIS C 188 17.61 13.63 26.43
N VAL C 189 17.11 12.88 25.44
CA VAL C 189 17.19 11.43 25.45
C VAL C 189 18.65 10.96 25.36
N LEU C 190 19.40 11.58 24.46
CA LEU C 190 20.82 11.28 24.32
C LEU C 190 21.56 11.58 25.61
N GLN C 191 21.10 12.60 26.34
CA GLN C 191 21.71 13.00 27.60
C GLN C 191 21.48 11.98 28.70
N LYS C 192 20.23 11.53 28.86
CA LYS C 192 19.90 10.59 29.93
C LYS C 192 20.30 9.16 29.55
N ASN C 193 20.93 9.02 28.39
CA ASN C 193 21.57 7.76 28.02
C ASN C 193 23.08 7.90 28.10
N HIS C 194 23.51 8.90 28.86
CA HIS C 194 24.92 9.12 29.21
C HIS C 194 25.85 9.18 27.99
N ARG C 195 25.36 9.76 26.91
CA ARG C 195 26.17 9.93 25.71
C ARG C 195 27.10 11.13 25.89
N GLU C 196 28.30 11.01 25.34
CA GLU C 196 29.21 12.15 25.27
C GLU C 196 28.54 13.25 24.45
N ASP C 197 28.88 14.51 24.73
CA ASP C 197 28.19 15.64 24.13
C ASP C 197 28.38 15.74 22.60
N GLY C 198 29.19 14.84 22.05
CA GLY C 198 29.47 14.85 20.63
C GLY C 198 28.67 13.85 19.81
N ILE C 199 27.63 13.28 20.41
CA ILE C 199 26.79 12.33 19.69
C ILE C 199 25.78 13.07 18.81
N LEU C 200 25.11 14.07 19.39
CA LEU C 200 24.14 14.86 18.66
C LEU C 200 24.77 15.54 17.44
N THR C 201 25.98 16.07 17.62
CA THR C 201 26.70 16.70 16.53
C THR C 201 26.98 15.72 15.41
N LYS C 202 27.32 14.48 15.78
CA LYS C 202 27.55 13.44 14.79
C LYS C 202 26.27 13.09 14.04
N LEU C 203 25.14 13.06 14.76
CA LEU C 203 23.85 12.75 14.15
C LEU C 203 23.43 13.81 13.14
N ILE C 204 23.66 15.07 13.50
CA ILE C 204 23.34 16.18 12.60
C ILE C 204 24.17 16.11 11.31
N CYS C 205 25.43 15.67 11.43
CA CYS C 205 26.26 15.45 10.26
C CYS C 205 25.67 14.38 9.34
N LYS C 206 25.10 13.34 9.94
CA LYS C 206 24.52 12.24 9.16
C LYS C 206 23.32 12.66 8.31
N VAL C 207 22.68 13.77 8.69
CA VAL C 207 21.55 14.30 7.95
C VAL C 207 21.97 14.62 6.51
N SER C 208 23.14 15.24 6.36
CA SER C 208 23.66 15.54 5.02
C SER C 208 23.99 14.25 4.25
N THR C 209 24.44 13.23 4.97
CA THR C 209 24.74 11.95 4.32
C THR C 209 23.47 11.30 3.81
N LEU C 210 22.41 11.36 4.63
CA LEU C 210 21.11 10.80 4.25
C LEU C 210 20.57 11.45 2.97
N ARG C 211 20.76 12.75 2.85
CA ARG C 211 20.30 13.47 1.68
C ARG C 211 21.08 13.05 0.44
N ALA C 212 22.37 12.78 0.62
CA ALA C 212 23.21 12.35 -0.49
C ALA C 212 22.83 10.93 -0.91
N LEU C 213 22.52 10.09 0.07
CA LEU C 213 22.06 8.72 -0.19
C LEU C 213 20.78 8.73 -1.03
N CYS C 214 19.81 9.51 -0.59
CA CYS C 214 18.55 9.59 -1.31
CA CYS C 214 18.53 9.64 -1.29
C CYS C 214 18.71 10.24 -2.68
N GLY C 215 19.54 11.26 -2.77
CA GLY C 215 19.84 11.90 -4.04
C GLY C 215 20.42 10.89 -5.02
N ARG C 216 21.27 9.99 -4.50
CA ARG C 216 21.92 9.02 -5.36
C ARG C 216 20.93 7.94 -5.80
N HIS C 217 20.01 7.57 -4.91
CA HIS C 217 18.94 6.64 -5.26
C HIS C 217 18.14 7.18 -6.45
N THR C 218 17.79 8.46 -6.41
CA THR C 218 17.06 9.08 -7.51
C THR C 218 17.89 9.09 -8.80
N GLU C 219 19.18 9.38 -8.71
CA GLU C 219 20.09 9.34 -9.86
C GLU C 219 20.02 8.00 -10.58
N LYS C 220 20.12 6.93 -9.79
CA LYS C 220 20.16 5.58 -10.34
C LYS C 220 18.79 5.15 -10.85
N LEU C 221 17.75 5.51 -10.11
CA LEU C 221 16.38 5.19 -10.51
C LEU C 221 16.01 5.84 -11.85
N MET C 222 16.33 7.12 -12.02
CA MET C 222 15.97 7.80 -13.25
C MET C 222 16.77 7.25 -14.43
N ALA C 223 18.01 6.86 -14.18
CA ALA C 223 18.84 6.23 -15.20
C ALA C 223 18.26 4.88 -15.62
N PHE C 224 17.80 4.12 -14.63
CA PHE C 224 17.13 2.84 -14.89
C PHE C 224 15.85 3.06 -15.70
N LYS C 225 15.06 4.04 -15.27
CA LYS C 225 13.80 4.33 -15.93
C LYS C 225 13.99 4.74 -17.39
N ALA C 226 15.08 5.45 -17.67
CA ALA C 226 15.41 5.85 -19.04
C ALA C 226 15.59 4.63 -19.96
N ILE C 227 16.12 3.55 -19.41
CA ILE C 227 16.42 2.35 -20.21
C ILE C 227 15.27 1.35 -20.18
N TYR C 228 14.56 1.29 -19.07
CA TYR C 228 13.44 0.34 -18.91
C TYR C 228 12.14 1.04 -18.56
N PRO C 229 11.65 1.94 -19.44
CA PRO C 229 10.48 2.74 -19.07
C PRO C 229 9.22 1.91 -18.83
N ASP C 230 9.02 0.85 -19.61
CA ASP C 230 7.82 0.03 -19.49
C ASP C 230 7.84 -0.80 -18.22
N ILE C 231 9.03 -1.20 -17.80
CA ILE C 231 9.16 -1.95 -16.55
C ILE C 231 8.71 -1.07 -15.37
N VAL C 232 9.18 0.16 -15.35
CA VAL C 232 8.77 1.08 -14.28
C VAL C 232 7.26 1.34 -14.38
N ARG C 233 6.77 1.65 -15.57
CA ARG C 233 5.37 2.02 -15.74
C ARG C 233 4.41 0.90 -15.34
N LEU C 234 4.71 -0.32 -15.77
CA LEU C 234 3.79 -1.43 -15.58
C LEU C 234 4.00 -2.25 -14.29
N HIS C 235 5.25 -2.34 -13.81
CA HIS C 235 5.58 -3.31 -12.77
C HIS C 235 6.12 -2.72 -11.46
N PHE C 236 6.41 -1.43 -11.42
CA PHE C 236 6.86 -0.82 -10.18
C PHE C 236 5.64 -0.42 -9.33
N PRO C 237 5.79 -0.45 -7.99
CA PRO C 237 4.65 -0.12 -7.12
C PRO C 237 4.14 1.31 -7.35
N PRO C 238 2.81 1.51 -7.32
CA PRO C 238 2.26 2.85 -7.53
C PRO C 238 2.77 3.87 -6.51
N LEU C 239 2.91 3.48 -5.24
CA LEU C 239 3.37 4.44 -4.24
C LEU C 239 4.81 4.89 -4.50
N TYR C 240 5.65 3.94 -4.94
CA TYR C 240 7.04 4.21 -5.28
C TYR C 240 7.11 5.24 -6.40
N LYS C 241 6.30 5.05 -7.43
CA LYS C 241 6.30 5.96 -8.57
C LYS C 241 5.83 7.36 -8.18
N GLU C 242 4.82 7.43 -7.31
CA GLU C 242 4.29 8.73 -6.87
CA GLU C 242 4.30 8.73 -6.90
C GLU C 242 5.34 9.48 -6.08
N LEU C 243 6.03 8.78 -5.19
CA LEU C 243 7.02 9.44 -4.34
C LEU C 243 8.29 9.84 -5.08
N PHE C 244 8.74 9.01 -6.02
CA PHE C 244 10.09 9.20 -6.56
C PHE C 244 10.17 9.58 -8.04
N THR C 245 9.13 9.37 -8.83
CA THR C 245 9.24 9.63 -10.27
C THR C 245 8.25 10.68 -10.78
N SER C 246 7.48 11.28 -9.89
CA SER C 246 6.48 12.25 -10.28
C SER C 246 7.09 13.60 -10.66
N GLU C 247 6.76 14.09 -11.86
CA GLU C 247 7.19 15.42 -12.27
C GLU C 247 6.67 16.47 -11.29
N PHE C 248 7.51 17.46 -11.01
CA PHE C 248 7.18 18.55 -10.12
C PHE C 248 6.01 19.37 -10.64
N GLU C 249 5.10 19.73 -9.74
CA GLU C 249 4.00 20.62 -10.09
C GLU C 249 3.95 21.78 -9.11
N PRO C 250 4.20 23.00 -9.62
CA PRO C 250 4.24 24.19 -8.77
C PRO C 250 2.92 24.41 -8.04
N ALA C 251 2.97 24.89 -6.81
CA ALA C 251 1.76 25.14 -6.04
C ALA C 251 0.99 26.31 -6.62
N THR D 1 -2.31 9.54 -6.54
CA THR D 1 -3.29 9.95 -5.55
C THR D 1 -3.50 8.85 -4.50
N LEU D 2 -2.75 7.76 -4.63
CA LEU D 2 -2.67 6.77 -3.56
C LEU D 2 -2.13 7.41 -2.28
N LEU D 3 -1.14 8.29 -2.45
CA LEU D 3 -0.58 9.00 -1.30
C LEU D 3 -1.66 9.87 -0.66
N GLN D 4 -2.48 10.51 -1.49
CA GLN D 4 -3.58 11.31 -0.96
C GLN D 4 -4.57 10.44 -0.19
N LEU D 5 -4.83 9.24 -0.72
CA LEU D 5 -5.70 8.29 -0.02
C LEU D 5 -5.13 7.94 1.34
N LEU D 6 -3.85 7.56 1.38
CA LEU D 6 -3.21 7.14 2.62
C LEU D 6 -3.17 8.25 3.67
N LEU D 7 -3.07 9.49 3.20
CA LEU D 7 -3.01 10.63 4.12
C LEU D 7 -4.40 11.15 4.52
N GLY D 8 -5.44 10.64 3.88
CA GLY D 8 -6.80 11.06 4.19
C GLY D 8 -7.15 12.42 3.62
N HIS D 9 -6.48 12.80 2.54
CA HIS D 9 -6.75 14.07 1.88
C HIS D 9 -8.00 13.98 1.01
#